data_7PNE
#
_entry.id   7PNE
#
_entity_poly.entity_id   1
_entity_poly.type   'polydeoxyribonucleotide'
_entity_poly.pdbx_seq_one_letter_code
;(THM)(DT)(DA)(DG)(DG)(DT)(DG)(DG)(DG)(DT)(DA)(DG)(DG)(DG)(DT)(DG)(DG)(DG)(DC)
(DT)(DA)(DG)(DT)(DC)(DA)(DT)(DT)(DT)(DT)(DG)(DA)(DC)(DT)(DA)(DG)(DG)
;
_entity_poly.pdbx_strand_id   A
#